data_6VXG
#
_entry.id   6VXG
#
loop_
_entity.id
_entity.type
_entity.pdbx_description
1 polymer 'Advanced glycosylation end product-specific receptor'
2 non-polymer N-(4-{7-cyano-4-[(morpholin-4-yl)methyl]quinolin-2-yl}phenyl)acetamide
#
_entity_poly.entity_id   1
_entity_poly.type   'polypeptide(L)'
_entity_poly.pdbx_seq_one_letter_code
;MWQRRQRRGEERKAPENQEEEEERAELNQSEEPEAGESSTGGP
;
_entity_poly.pdbx_strand_id   A
#
# COMPACT_ATOMS: atom_id res chain seq x y z
N MET A 1 7.82 7.15 -4.53
CA MET A 1 6.39 7.06 -4.80
C MET A 1 5.59 6.95 -3.50
N TRP A 2 4.28 6.77 -3.63
CA TRP A 2 3.41 6.66 -2.47
C TRP A 2 1.99 6.29 -2.89
N GLN A 3 1.19 5.84 -1.93
CA GLN A 3 -0.19 5.47 -2.20
C GLN A 3 -0.26 4.35 -3.25
N ARG A 4 0.32 3.21 -2.92
CA ARG A 4 0.33 2.07 -3.83
C ARG A 4 -0.38 0.87 -3.21
N ARG A 5 -0.27 0.73 -1.90
CA ARG A 5 -0.90 -0.37 -1.19
C ARG A 5 -2.39 -0.08 -0.95
N GLN A 6 -2.81 1.14 -1.29
CA GLN A 6 -4.20 1.53 -1.10
C GLN A 6 -5.12 0.70 -1.98
N ARG A 7 -4.67 0.39 -3.19
CA ARG A 7 -5.45 -0.41 -4.13
C ARG A 7 -5.71 -1.81 -3.57
N ARG A 8 -4.81 -2.28 -2.73
CA ARG A 8 -4.94 -3.60 -2.13
C ARG A 8 -5.81 -3.53 -0.87
N GLY A 9 -5.59 -2.52 -0.05
CA GLY A 9 -6.35 -2.36 1.17
C GLY A 9 -5.48 -2.13 2.38
N GLU A 10 -4.30 -1.55 2.15
CA GLU A 10 -3.37 -1.27 3.24
C GLU A 10 -2.81 0.14 3.13
N GLU A 11 -3.03 0.78 1.98
CA GLU A 11 -2.56 2.13 1.75
C GLU A 11 -1.04 2.15 1.56
N ARG A 12 -0.31 1.95 2.66
CA ARG A 12 1.14 1.95 2.61
C ARG A 12 1.72 1.08 3.73
N LYS A 13 1.62 -0.24 3.56
CA LYS A 13 2.13 -1.17 4.55
C LYS A 13 3.35 -1.92 4.03
N ALA A 14 4.07 -2.58 4.92
CA ALA A 14 5.26 -3.34 4.54
C ALA A 14 4.99 -4.19 3.31
N PRO A 15 6.08 -4.66 2.66
CA PRO A 15 5.99 -5.49 1.46
C PRO A 15 5.45 -6.88 1.76
N GLU A 16 4.16 -7.08 1.52
CA GLU A 16 3.51 -8.37 1.77
C GLU A 16 3.36 -8.61 3.27
N MET A 1 5.22 5.91 -5.07
CA MET A 1 5.47 5.40 -3.72
C MET A 1 4.18 5.42 -2.90
N TRP A 2 3.76 6.62 -2.49
CA TRP A 2 2.55 6.77 -1.70
C TRP A 2 1.31 6.50 -2.53
N GLN A 3 0.24 6.05 -1.88
CA GLN A 3 -1.01 5.75 -2.57
C GLN A 3 -0.82 4.60 -3.56
N ARG A 4 -0.01 3.62 -3.18
CA ARG A 4 0.25 2.47 -4.03
C ARG A 4 -0.48 1.23 -3.52
N ARG A 5 -0.32 0.95 -2.22
CA ARG A 5 -0.95 -0.20 -1.61
C ARG A 5 -2.42 0.08 -1.29
N GLN A 6 -2.84 1.32 -1.55
CA GLN A 6 -4.22 1.72 -1.29
C GLN A 6 -5.20 0.88 -2.09
N ARG A 7 -4.80 0.52 -3.31
CA ARG A 7 -5.64 -0.28 -4.19
C ARG A 7 -5.89 -1.66 -3.58
N ARG A 8 -4.92 -2.16 -2.83
CA ARG A 8 -5.03 -3.47 -2.21
C ARG A 8 -5.81 -3.37 -0.89
N GLY A 9 -5.62 -2.26 -0.19
CA GLY A 9 -6.31 -2.06 1.08
C GLY A 9 -5.35 -1.87 2.24
N GLU A 10 -4.10 -1.52 1.93
CA GLU A 10 -3.09 -1.31 2.95
C GLU A 10 -2.51 0.09 2.87
N GLU A 11 -2.69 0.73 1.71
CA GLU A 11 -2.18 2.08 1.50
C GLU A 11 -0.66 2.07 1.35
N ARG A 12 0.04 1.74 2.43
CA ARG A 12 1.49 1.71 2.41
C ARG A 12 2.02 0.94 3.62
N LYS A 13 2.23 -0.36 3.46
CA LYS A 13 2.74 -1.20 4.53
C LYS A 13 3.88 -2.07 4.05
N ALA A 14 4.57 -2.72 4.99
CA ALA A 14 5.69 -3.59 4.64
C ALA A 14 5.30 -4.58 3.54
N PRO A 15 6.31 -5.22 2.94
CA PRO A 15 6.11 -6.20 1.87
C PRO A 15 5.45 -7.48 2.36
N GLU A 16 4.13 -7.57 2.20
CA GLU A 16 3.39 -8.74 2.64
C GLU A 16 3.38 -8.85 4.16
N MET A 1 5.87 7.63 -5.49
CA MET A 1 6.23 6.49 -4.64
C MET A 1 5.40 6.46 -3.37
N TRP A 2 4.11 6.70 -3.50
CA TRP A 2 3.21 6.71 -2.36
C TRP A 2 1.79 6.35 -2.78
N GLN A 3 0.98 5.92 -1.81
CA GLN A 3 -0.40 5.54 -2.08
C GLN A 3 -0.47 4.49 -3.20
N ARG A 4 0.18 3.36 -2.97
CA ARG A 4 0.19 2.28 -3.96
C ARG A 4 -0.48 1.03 -3.40
N ARG A 5 -0.35 0.82 -2.10
CA ARG A 5 -0.94 -0.34 -1.45
C ARG A 5 -2.42 -0.10 -1.15
N GLN A 6 -2.87 1.13 -1.36
CA GLN A 6 -4.26 1.49 -1.10
C GLN A 6 -5.20 0.68 -2.00
N ARG A 7 -4.77 0.41 -3.22
CA ARG A 7 -5.57 -0.35 -4.17
C ARG A 7 -5.77 -1.78 -3.67
N ARG A 8 -4.91 -2.21 -2.75
CA ARG A 8 -4.99 -3.55 -2.20
C ARG A 8 -5.74 -3.56 -0.87
N GLY A 9 -5.59 -2.48 -0.11
CA GLY A 9 -6.25 -2.38 1.18
C GLY A 9 -5.28 -2.18 2.31
N GLU A 10 -4.08 -1.69 1.99
CA GLU A 10 -3.06 -1.45 3.01
C GLU A 10 -2.54 -0.02 2.94
N GLU A 11 -2.79 0.64 1.81
CA GLU A 11 -2.36 2.02 1.63
C GLU A 11 -0.85 2.09 1.44
N ARG A 12 -0.11 1.84 2.51
CA ARG A 12 1.35 1.88 2.46
C ARG A 12 1.95 1.20 3.69
N LYS A 13 1.96 -0.13 3.68
CA LYS A 13 2.51 -0.90 4.79
C LYS A 13 3.67 -1.77 4.33
N ALA A 14 4.16 -2.62 5.23
CA ALA A 14 5.27 -3.51 4.90
C ALA A 14 5.05 -4.21 3.57
N PRO A 15 6.13 -4.78 3.01
CA PRO A 15 6.07 -5.48 1.73
C PRO A 15 5.31 -6.80 1.82
N GLU A 16 4.02 -6.76 1.48
CA GLU A 16 3.17 -7.94 1.52
C GLU A 16 3.49 -8.79 2.75
N MET A 1 4.88 6.79 -6.09
CA MET A 1 5.34 7.95 -5.33
C MET A 1 4.69 8.00 -3.95
N TRP A 2 3.42 7.60 -3.89
CA TRP A 2 2.69 7.59 -2.63
C TRP A 2 1.32 6.94 -2.80
N GLN A 3 0.90 6.18 -1.79
CA GLN A 3 -0.39 5.50 -1.83
C GLN A 3 -0.45 4.51 -2.98
N ARG A 4 0.43 3.51 -2.94
CA ARG A 4 0.49 2.49 -3.98
C ARG A 4 -0.13 1.18 -3.49
N ARG A 5 0.04 0.90 -2.21
CA ARG A 5 -0.50 -0.32 -1.61
C ARG A 5 -1.99 -0.16 -1.30
N GLN A 6 -2.47 1.07 -1.33
CA GLN A 6 -3.87 1.36 -1.06
C GLN A 6 -4.79 0.54 -1.97
N ARG A 7 -4.38 0.39 -3.22
CA ARG A 7 -5.16 -0.38 -4.20
C ARG A 7 -5.45 -1.78 -3.67
N ARG A 8 -4.56 -2.29 -2.82
CA ARG A 8 -4.74 -3.63 -2.25
C ARG A 8 -5.47 -3.56 -0.92
N GLY A 9 -5.22 -2.49 -0.16
CA GLY A 9 -5.86 -2.33 1.13
C GLY A 9 -4.86 -2.17 2.26
N GLU A 10 -3.67 -1.67 1.93
CA GLU A 10 -2.63 -1.48 2.93
C GLU A 10 -2.09 -0.04 2.88
N GLU A 11 -2.28 0.61 1.73
CA GLU A 11 -1.81 1.98 1.56
C GLU A 11 -0.29 2.02 1.35
N ARG A 12 0.45 1.65 2.38
CA ARG A 12 1.90 1.64 2.32
C ARG A 12 2.50 0.77 3.42
N LYS A 13 1.77 -0.28 3.80
CA LYS A 13 2.21 -1.19 4.84
C LYS A 13 3.29 -2.14 4.30
N ALA A 14 3.88 -2.91 5.21
CA ALA A 14 4.91 -3.87 4.83
C ALA A 14 4.46 -4.73 3.65
N PRO A 15 5.44 -5.33 2.95
CA PRO A 15 5.16 -6.18 1.79
C PRO A 15 4.50 -7.50 2.19
N GLU A 16 3.17 -7.46 2.35
CA GLU A 16 2.42 -8.65 2.73
C GLU A 16 2.85 -9.15 4.11
N MET A 1 6.46 4.61 -4.20
CA MET A 1 5.51 5.70 -4.36
C MET A 1 4.30 5.50 -3.45
N TRP A 2 4.18 6.36 -2.43
CA TRP A 2 3.07 6.27 -1.49
C TRP A 2 1.73 6.27 -2.23
N GLN A 3 0.67 5.92 -1.51
CA GLN A 3 -0.66 5.86 -2.10
C GLN A 3 -0.72 4.86 -3.25
N ARG A 4 0.00 3.75 -3.09
CA ARG A 4 0.03 2.71 -4.11
C ARG A 4 -0.61 1.43 -3.59
N ARG A 5 -0.36 1.10 -2.34
CA ARG A 5 -0.91 -0.10 -1.73
C ARG A 5 -2.38 0.10 -1.34
N GLN A 6 -2.86 1.33 -1.53
CA GLN A 6 -4.25 1.66 -1.21
C GLN A 6 -5.22 0.81 -2.04
N ARG A 7 -4.87 0.58 -3.30
CA ARG A 7 -5.71 -0.21 -4.20
C ARG A 7 -5.90 -1.62 -3.64
N ARG A 8 -4.91 -2.11 -2.92
CA ARG A 8 -4.97 -3.45 -2.34
C ARG A 8 -5.70 -3.43 -1.00
N GLY A 9 -5.50 -2.35 -0.23
CA GLY A 9 -6.14 -2.23 1.06
C GLY A 9 -5.15 -2.06 2.19
N GLU A 10 -3.97 -1.53 1.86
CA GLU A 10 -2.93 -1.30 2.86
C GLU A 10 -2.38 0.11 2.78
N GLU A 11 -2.67 0.78 1.66
CA GLU A 11 -2.20 2.15 1.46
C GLU A 11 -0.70 2.18 1.18
N ARG A 12 0.09 1.81 2.18
CA ARG A 12 1.54 1.78 2.06
C ARG A 12 2.19 1.13 3.27
N LYS A 13 1.99 -0.16 3.42
CA LYS A 13 2.55 -0.91 4.54
C LYS A 13 3.75 -1.74 4.09
N ALA A 14 4.35 -2.47 5.03
CA ALA A 14 5.50 -3.30 4.72
C ALA A 14 5.22 -4.23 3.55
N PRO A 15 6.30 -4.79 2.96
CA PRO A 15 6.19 -5.70 1.81
C PRO A 15 5.58 -7.04 2.20
N GLU A 16 4.29 -7.20 1.93
CA GLU A 16 3.59 -8.45 2.24
C GLU A 16 3.56 -8.68 3.76
N MET A 1 5.12 8.36 -5.29
CA MET A 1 5.56 7.00 -5.01
C MET A 1 4.68 6.35 -3.94
N TRP A 2 4.29 7.14 -2.94
CA TRP A 2 3.45 6.64 -1.86
C TRP A 2 2.02 6.42 -2.34
N GLN A 3 1.18 5.88 -1.47
CA GLN A 3 -0.22 5.61 -1.80
C GLN A 3 -0.31 4.67 -3.00
N ARG A 4 0.20 3.45 -2.83
CA ARG A 4 0.18 2.46 -3.89
C ARG A 4 -0.52 1.18 -3.42
N ARG A 5 -0.30 0.83 -2.16
CA ARG A 5 -0.90 -0.38 -1.60
C ARG A 5 -2.39 -0.17 -1.34
N GLN A 6 -2.83 1.08 -1.45
CA GLN A 6 -4.23 1.42 -1.23
C GLN A 6 -5.14 0.55 -2.11
N ARG A 7 -4.74 0.35 -3.36
CA ARG A 7 -5.51 -0.45 -4.29
C ARG A 7 -5.75 -1.85 -3.74
N ARG A 8 -4.86 -2.30 -2.85
CA ARG A 8 -4.97 -3.62 -2.25
C ARG A 8 -5.75 -3.56 -0.94
N GLY A 9 -5.53 -2.50 -0.17
CA GLY A 9 -6.21 -2.33 1.10
C GLY A 9 -5.25 -2.11 2.25
N GLU A 10 -4.10 -1.52 1.95
CA GLU A 10 -3.10 -1.25 2.98
C GLU A 10 -2.57 0.16 2.86
N GLU A 11 -2.74 0.76 1.68
CA GLU A 11 -2.28 2.12 1.45
C GLU A 11 -0.76 2.17 1.31
N ARG A 12 -0.06 1.94 2.42
CA ARG A 12 1.40 1.95 2.41
C ARG A 12 1.95 1.22 3.63
N LYS A 13 2.12 -0.09 3.51
CA LYS A 13 2.64 -0.90 4.59
C LYS A 13 3.78 -1.79 4.11
N ALA A 14 4.32 -2.60 5.02
CA ALA A 14 5.41 -3.50 4.68
C ALA A 14 5.06 -4.38 3.49
N PRO A 15 6.08 -5.01 2.90
CA PRO A 15 5.90 -5.89 1.74
C PRO A 15 5.18 -7.18 2.10
N GLU A 16 3.87 -7.21 1.92
CA GLU A 16 3.06 -8.38 2.22
C GLU A 16 3.09 -8.67 3.72
N MET A 1 5.69 6.61 -5.66
CA MET A 1 6.07 5.91 -4.45
C MET A 1 5.25 6.41 -3.26
N TRP A 2 3.96 6.59 -3.46
CA TRP A 2 3.07 7.06 -2.40
C TRP A 2 1.64 6.58 -2.63
N GLN A 3 1.05 5.98 -1.60
CA GLN A 3 -0.31 5.48 -1.69
C GLN A 3 -0.45 4.48 -2.83
N ARG A 4 0.41 3.47 -2.84
CA ARG A 4 0.39 2.45 -3.89
C ARG A 4 -0.36 1.21 -3.42
N ARG A 5 -0.24 0.90 -2.14
CA ARG A 5 -0.91 -0.27 -1.56
C ARG A 5 -2.38 0.02 -1.32
N GLN A 6 -2.77 1.27 -1.51
CA GLN A 6 -4.16 1.68 -1.31
C GLN A 6 -5.11 0.81 -2.15
N ARG A 7 -4.61 0.33 -3.28
CA ARG A 7 -5.41 -0.52 -4.17
C ARG A 7 -5.60 -1.90 -3.57
N ARG A 8 -4.67 -2.31 -2.71
CA ARG A 8 -4.74 -3.62 -2.06
C ARG A 8 -5.62 -3.57 -0.83
N GLY A 9 -5.37 -2.58 0.04
CA GLY A 9 -6.16 -2.44 1.25
C GLY A 9 -5.29 -2.14 2.46
N GLU A 10 -4.18 -1.46 2.23
CA GLU A 10 -3.26 -1.10 3.31
C GLU A 10 -2.67 0.28 3.10
N GLU A 11 -3.01 0.90 1.97
CA GLU A 11 -2.52 2.24 1.65
C GLU A 11 -1.02 2.20 1.34
N ARG A 12 -0.22 2.06 2.39
CA ARG A 12 1.23 2.01 2.23
C ARG A 12 1.76 0.62 2.58
N LYS A 13 3.08 0.53 2.78
CA LYS A 13 3.72 -0.74 3.12
C LYS A 13 2.86 -1.54 4.10
N ALA A 14 2.81 -2.85 3.89
CA ALA A 14 2.03 -3.72 4.75
C ALA A 14 2.42 -5.18 4.56
N PRO A 15 3.51 -5.59 5.22
CA PRO A 15 4.02 -6.97 5.14
C PRO A 15 3.10 -7.96 5.83
N GLU A 16 1.90 -8.14 5.29
CA GLU A 16 0.93 -9.07 5.86
C GLU A 16 0.81 -8.86 7.36
N MET A 1 5.97 8.40 -4.89
CA MET A 1 5.98 7.01 -4.46
C MET A 1 5.21 6.83 -3.16
N TRP A 2 3.88 6.89 -3.27
CA TRP A 2 3.02 6.74 -2.10
C TRP A 2 1.60 6.33 -2.52
N GLN A 3 0.87 5.74 -1.58
CA GLN A 3 -0.50 5.31 -1.85
C GLN A 3 -0.53 4.24 -2.94
N ARG A 4 0.39 3.28 -2.85
CA ARG A 4 0.47 2.19 -3.81
C ARG A 4 -0.33 0.98 -3.34
N ARG A 5 -0.24 0.68 -2.05
CA ARG A 5 -0.95 -0.45 -1.49
C ARG A 5 -2.44 -0.13 -1.31
N GLN A 6 -2.78 1.13 -1.50
CA GLN A 6 -4.17 1.57 -1.37
C GLN A 6 -5.09 0.74 -2.24
N ARG A 7 -4.56 0.26 -3.37
CA ARG A 7 -5.33 -0.55 -4.29
C ARG A 7 -5.66 -1.91 -3.69
N ARG A 8 -4.83 -2.35 -2.76
CA ARG A 8 -5.03 -3.64 -2.11
C ARG A 8 -5.85 -3.47 -0.82
N GLY A 9 -5.55 -2.41 -0.07
CA GLY A 9 -6.26 -2.16 1.17
C GLY A 9 -5.33 -1.92 2.34
N GLU A 10 -4.12 -1.45 2.03
CA GLU A 10 -3.13 -1.16 3.06
C GLU A 10 -2.57 0.24 2.91
N GLU A 11 -2.78 0.84 1.74
CA GLU A 11 -2.30 2.18 1.47
C GLU A 11 -0.77 2.21 1.35
N ARG A 12 -0.11 2.13 2.50
CA ARG A 12 1.35 2.14 2.54
C ARG A 12 1.88 1.27 3.68
N LYS A 13 2.10 0.00 3.39
CA LYS A 13 2.60 -0.94 4.38
C LYS A 13 3.73 -1.80 3.80
N ALA A 14 4.43 -2.51 4.68
CA ALA A 14 5.52 -3.37 4.26
C ALA A 14 5.08 -4.34 3.16
N PRO A 15 6.06 -4.97 2.50
CA PRO A 15 5.79 -5.92 1.41
C PRO A 15 5.16 -7.21 1.92
N GLU A 16 3.84 -7.25 1.96
CA GLU A 16 3.12 -8.43 2.42
C GLU A 16 3.32 -8.63 3.92
N MET A 1 7.14 5.90 -4.78
CA MET A 1 5.87 6.62 -4.84
C MET A 1 5.11 6.47 -3.53
N TRP A 2 3.90 7.02 -3.50
CA TRP A 2 3.06 6.96 -2.30
C TRP A 2 1.62 6.60 -2.66
N GLN A 3 0.91 6.02 -1.69
CA GLN A 3 -0.48 5.63 -1.91
C GLN A 3 -0.59 4.61 -3.04
N ARG A 4 0.18 3.53 -2.93
CA ARG A 4 0.17 2.49 -3.94
C ARG A 4 -0.47 1.21 -3.40
N ARG A 5 -0.27 0.95 -2.11
CA ARG A 5 -0.83 -0.24 -1.48
C ARG A 5 -2.33 -0.06 -1.23
N GLN A 6 -2.80 1.17 -1.39
CA GLN A 6 -4.22 1.46 -1.17
C GLN A 6 -5.10 0.61 -2.08
N ARG A 7 -4.69 0.45 -3.33
CA ARG A 7 -5.44 -0.34 -4.29
C ARG A 7 -5.72 -1.74 -3.74
N ARG A 8 -4.83 -2.21 -2.86
CA ARG A 8 -4.99 -3.54 -2.27
C ARG A 8 -5.79 -3.46 -0.98
N GLY A 9 -5.53 -2.41 -0.19
CA GLY A 9 -6.24 -2.24 1.07
C GLY A 9 -5.31 -2.04 2.24
N GLU A 10 -4.15 -1.44 1.97
CA GLU A 10 -3.17 -1.20 3.02
C GLU A 10 -2.62 0.23 2.93
N GLU A 11 -2.72 0.81 1.74
CA GLU A 11 -2.24 2.17 1.52
C GLU A 11 -0.71 2.20 1.46
N ARG A 12 -0.07 1.96 2.59
CA ARG A 12 1.38 1.96 2.67
C ARG A 12 1.87 1.08 3.82
N LYS A 13 1.93 -0.23 3.57
CA LYS A 13 2.39 -1.18 4.57
C LYS A 13 3.59 -1.96 4.09
N ALA A 14 4.22 -2.71 4.98
CA ALA A 14 5.39 -3.50 4.64
C ALA A 14 5.10 -4.43 3.47
N PRO A 15 6.16 -4.99 2.88
CA PRO A 15 6.05 -5.91 1.73
C PRO A 15 5.45 -7.25 2.14
N GLU A 16 4.15 -7.41 1.87
CA GLU A 16 3.46 -8.65 2.20
C GLU A 16 3.39 -8.85 3.72
N MET A 1 5.83 7.68 -4.79
CA MET A 1 5.96 6.62 -3.78
C MET A 1 4.92 6.78 -2.69
N TRP A 2 3.65 6.65 -3.05
CA TRP A 2 2.56 6.78 -2.10
C TRP A 2 1.23 6.39 -2.74
N GLN A 3 0.29 5.95 -1.92
CA GLN A 3 -1.02 5.55 -2.40
C GLN A 3 -0.91 4.43 -3.43
N ARG A 4 0.07 3.55 -3.23
CA ARG A 4 0.28 2.42 -4.14
C ARG A 4 -0.45 1.19 -3.64
N ARG A 5 -0.24 0.84 -2.38
CA ARG A 5 -0.88 -0.33 -1.79
C ARG A 5 -2.34 -0.05 -1.46
N GLN A 6 -2.75 1.20 -1.65
CA GLN A 6 -4.12 1.61 -1.37
C GLN A 6 -5.11 0.74 -2.14
N ARG A 7 -4.77 0.40 -3.38
CA ARG A 7 -5.62 -0.44 -4.22
C ARG A 7 -5.80 -1.82 -3.60
N ARG A 8 -4.87 -2.21 -2.74
CA ARG A 8 -4.93 -3.50 -2.08
C ARG A 8 -5.67 -3.40 -0.74
N GLY A 9 -5.47 -2.29 -0.05
CA GLY A 9 -6.12 -2.09 1.23
C GLY A 9 -5.13 -1.85 2.35
N GLU A 10 -3.91 -1.45 1.99
CA GLU A 10 -2.87 -1.20 2.98
C GLU A 10 -2.30 0.21 2.81
N GLU A 11 -2.48 0.77 1.62
CA GLU A 11 -1.98 2.12 1.32
C GLU A 11 -0.47 2.13 1.23
N ARG A 12 0.20 2.05 2.38
CA ARG A 12 1.64 2.05 2.43
C ARG A 12 2.16 1.25 3.64
N LYS A 13 2.33 -0.05 3.44
CA LYS A 13 2.82 -0.93 4.50
C LYS A 13 3.93 -1.84 3.99
N ALA A 14 4.46 -2.66 4.88
CA ALA A 14 5.52 -3.59 4.53
C ALA A 14 5.10 -4.51 3.39
N PRO A 15 6.09 -5.14 2.73
CA PRO A 15 5.83 -6.05 1.61
C PRO A 15 5.18 -7.35 2.06
N GLU A 16 3.86 -7.36 2.09
CA GLU A 16 3.10 -8.54 2.51
C GLU A 16 3.35 -8.85 3.98
N MET A 1 5.63 5.79 -4.81
CA MET A 1 6.05 6.66 -3.71
C MET A 1 4.95 6.79 -2.66
N TRP A 2 3.71 6.75 -3.11
CA TRP A 2 2.56 6.86 -2.21
C TRP A 2 1.28 6.41 -2.90
N GLN A 3 0.31 5.98 -2.11
CA GLN A 3 -0.97 5.52 -2.65
C GLN A 3 -0.77 4.32 -3.57
N ARG A 4 0.14 3.43 -3.19
CA ARG A 4 0.42 2.24 -3.98
C ARG A 4 -0.37 1.04 -3.46
N ARG A 5 -0.28 0.79 -2.16
CA ARG A 5 -0.98 -0.32 -1.55
C ARG A 5 -2.45 0.04 -1.31
N GLN A 6 -2.77 1.31 -1.39
CA GLN A 6 -4.14 1.78 -1.19
C GLN A 6 -5.11 1.01 -2.07
N ARG A 7 -4.64 0.59 -3.25
CA ARG A 7 -5.47 -0.16 -4.18
C ARG A 7 -5.82 -1.53 -3.62
N ARG A 8 -4.92 -2.08 -2.82
CA ARG A 8 -5.13 -3.39 -2.22
C ARG A 8 -5.90 -3.27 -0.92
N GLY A 9 -5.60 -2.22 -0.15
CA GLY A 9 -6.27 -2.01 1.12
C GLY A 9 -5.31 -1.91 2.28
N GLU A 10 -4.09 -1.45 2.00
CA GLU A 10 -3.07 -1.31 3.02
C GLU A 10 -2.39 0.05 2.93
N GLU A 11 -2.81 0.85 1.96
CA GLU A 11 -2.25 2.19 1.77
C GLU A 11 -0.79 2.09 1.30
N ARG A 12 0.10 1.77 2.23
CA ARG A 12 1.52 1.64 1.91
C ARG A 12 2.28 1.00 3.07
N LYS A 13 2.05 -0.29 3.28
CA LYS A 13 2.71 -1.02 4.36
C LYS A 13 3.85 -1.87 3.81
N ALA A 14 4.59 -2.51 4.71
CA ALA A 14 5.71 -3.36 4.32
C ALA A 14 5.27 -4.42 3.31
N PRO A 15 6.24 -5.05 2.64
CA PRO A 15 5.98 -6.09 1.64
C PRO A 15 5.45 -7.37 2.28
N GLU A 16 4.14 -7.55 2.23
CA GLU A 16 3.51 -8.75 2.81
C GLU A 16 3.51 -8.68 4.34
N MET A 1 5.24 6.13 -5.37
CA MET A 1 5.63 5.50 -4.11
C MET A 1 4.46 5.42 -3.15
N TRP A 2 4.08 6.56 -2.59
CA TRP A 2 2.96 6.61 -1.65
C TRP A 2 1.63 6.42 -2.38
N GLN A 3 0.59 6.09 -1.62
CA GLN A 3 -0.74 5.89 -2.19
C GLN A 3 -0.70 4.86 -3.31
N ARG A 4 0.02 3.76 -3.07
CA ARG A 4 0.14 2.69 -4.06
C ARG A 4 -0.47 1.39 -3.53
N ARG A 5 -0.31 1.15 -2.23
CA ARG A 5 -0.84 -0.05 -1.61
C ARG A 5 -2.32 0.11 -1.29
N GLN A 6 -2.84 1.31 -1.48
CA GLN A 6 -4.24 1.61 -1.21
C GLN A 6 -5.15 0.72 -2.06
N ARG A 7 -4.78 0.54 -3.32
CA ARG A 7 -5.57 -0.28 -4.23
C ARG A 7 -5.76 -1.68 -3.66
N ARG A 8 -4.81 -2.14 -2.87
CA ARG A 8 -4.88 -3.46 -2.26
C ARG A 8 -5.64 -3.42 -0.94
N GLY A 9 -5.47 -2.34 -0.20
CA GLY A 9 -6.16 -2.20 1.08
C GLY A 9 -5.20 -1.99 2.23
N GLU A 10 -3.99 -1.52 1.92
CA GLU A 10 -2.98 -1.27 2.94
C GLU A 10 -2.46 0.16 2.86
N GLU A 11 -2.74 0.82 1.73
CA GLU A 11 -2.31 2.20 1.53
C GLU A 11 -0.81 2.27 1.30
N ARG A 12 -0.03 1.93 2.32
CA ARG A 12 1.42 1.94 2.23
C ARG A 12 2.05 1.15 3.36
N LYS A 13 1.88 -0.17 3.32
CA LYS A 13 2.44 -1.04 4.34
C LYS A 13 3.61 -1.84 3.80
N ALA A 14 4.44 -2.37 4.70
CA ALA A 14 5.60 -3.15 4.31
C ALA A 14 5.22 -4.21 3.28
N PRO A 15 6.24 -4.79 2.63
CA PRO A 15 6.04 -5.83 1.61
C PRO A 15 5.54 -7.13 2.20
N GLU A 16 4.26 -7.42 2.00
CA GLU A 16 3.66 -8.65 2.53
C GLU A 16 3.62 -8.62 4.05
N MET A 1 6.36 7.01 -4.56
CA MET A 1 6.49 6.02 -3.51
C MET A 1 5.38 6.18 -2.46
N TRP A 2 4.18 6.50 -2.92
CA TRP A 2 3.04 6.68 -2.03
C TRP A 2 1.73 6.35 -2.75
N GLN A 3 0.73 5.95 -1.97
CA GLN A 3 -0.58 5.61 -2.53
C GLN A 3 -0.46 4.46 -3.53
N ARG A 4 0.15 3.36 -3.09
CA ARG A 4 0.32 2.19 -3.95
C ARG A 4 -0.33 0.96 -3.34
N ARG A 5 -0.35 0.90 -2.01
CA ARG A 5 -0.94 -0.23 -1.31
C ARG A 5 -2.43 0.00 -1.08
N GLN A 6 -2.90 1.19 -1.43
CA GLN A 6 -4.31 1.54 -1.26
C GLN A 6 -5.21 0.57 -2.01
N ARG A 7 -4.85 0.31 -3.27
CA ARG A 7 -5.62 -0.60 -4.11
C ARG A 7 -5.77 -1.97 -3.44
N ARG A 8 -4.77 -2.33 -2.64
CA ARG A 8 -4.78 -3.61 -1.94
C ARG A 8 -5.62 -3.53 -0.67
N GLY A 9 -5.57 -2.38 0.00
CA GLY A 9 -6.32 -2.18 1.22
C GLY A 9 -5.44 -1.87 2.41
N GLU A 10 -4.22 -1.42 2.13
CA GLU A 10 -3.26 -1.09 3.19
C GLU A 10 -2.76 0.34 3.02
N GLU A 11 -2.99 0.92 1.85
CA GLU A 11 -2.55 2.28 1.57
C GLU A 11 -1.04 2.34 1.40
N ARG A 12 -0.31 2.16 2.50
CA ARG A 12 1.14 2.20 2.47
C ARG A 12 1.73 1.26 3.53
N LYS A 13 1.82 -0.02 3.20
CA LYS A 13 2.37 -1.01 4.11
C LYS A 13 3.52 -1.77 3.47
N ALA A 14 4.44 -2.25 4.29
CA ALA A 14 5.59 -3.00 3.80
C ALA A 14 5.16 -4.10 2.84
N PRO A 15 6.13 -4.64 2.08
CA PRO A 15 5.87 -5.71 1.11
C PRO A 15 5.51 -7.03 1.78
N GLU A 16 4.22 -7.35 1.80
CA GLU A 16 3.75 -8.59 2.41
C GLU A 16 3.81 -8.50 3.94
N MET A 1 5.61 5.14 -4.60
CA MET A 1 6.18 5.77 -3.42
C MET A 1 5.11 5.98 -2.34
N TRP A 2 3.91 6.38 -2.78
CA TRP A 2 2.81 6.62 -1.87
C TRP A 2 1.47 6.34 -2.54
N GLN A 3 0.49 5.89 -1.75
CA GLN A 3 -0.83 5.59 -2.27
C GLN A 3 -0.75 4.54 -3.37
N ARG A 4 0.04 3.49 -3.13
CA ARG A 4 0.21 2.42 -4.10
C ARG A 4 -0.41 1.12 -3.58
N ARG A 5 -0.32 0.91 -2.27
CA ARG A 5 -0.87 -0.29 -1.65
C ARG A 5 -2.36 -0.11 -1.36
N GLN A 6 -2.85 1.11 -1.52
CA GLN A 6 -4.26 1.41 -1.27
C GLN A 6 -5.16 0.50 -2.09
N ARG A 7 -4.72 0.17 -3.31
CA ARG A 7 -5.49 -0.70 -4.18
C ARG A 7 -5.69 -2.07 -3.56
N ARG A 8 -4.77 -2.46 -2.68
CA ARG A 8 -4.84 -3.75 -2.01
C ARG A 8 -5.58 -3.63 -0.68
N GLY A 9 -5.41 -2.50 -0.01
CA GLY A 9 -6.07 -2.28 1.27
C GLY A 9 -5.08 -1.99 2.38
N GLU A 10 -3.92 -1.46 2.01
CA GLU A 10 -2.88 -1.13 3.00
C GLU A 10 -2.43 0.31 2.84
N GLU A 11 -2.61 0.86 1.64
CA GLU A 11 -2.20 2.23 1.36
C GLU A 11 -0.68 2.34 1.24
N ARG A 12 0.00 2.21 2.37
CA ARG A 12 1.45 2.29 2.41
C ARG A 12 2.02 1.50 3.57
N LYS A 13 2.28 0.22 3.35
CA LYS A 13 2.83 -0.66 4.38
C LYS A 13 3.88 -1.59 3.80
N ALA A 14 4.52 -2.37 4.67
CA ALA A 14 5.54 -3.31 4.24
C ALA A 14 5.06 -4.17 3.08
N PRO A 15 6.01 -4.79 2.37
CA PRO A 15 5.70 -5.65 1.21
C PRO A 15 5.02 -6.95 1.63
N GLU A 16 3.70 -6.91 1.76
CA GLU A 16 2.93 -8.09 2.15
C GLU A 16 3.25 -8.49 3.59
N MET A 1 6.66 4.57 -4.63
CA MET A 1 5.66 5.62 -4.53
C MET A 1 4.73 5.38 -3.34
N TRP A 2 4.06 6.42 -2.89
CA TRP A 2 3.14 6.32 -1.76
C TRP A 2 1.70 6.20 -2.25
N GLN A 3 0.80 5.84 -1.34
CA GLN A 3 -0.61 5.68 -1.68
C GLN A 3 -0.79 4.78 -2.89
N ARG A 4 0.05 3.75 -2.97
CA ARG A 4 -0.02 2.80 -4.08
C ARG A 4 -0.55 1.45 -3.61
N ARG A 5 -0.26 1.10 -2.37
CA ARG A 5 -0.71 -0.16 -1.80
C ARG A 5 -2.17 -0.08 -1.38
N GLN A 6 -2.73 1.12 -1.45
CA GLN A 6 -4.13 1.34 -1.07
C GLN A 6 -5.06 0.46 -1.91
N ARG A 7 -4.71 0.29 -3.19
CA ARG A 7 -5.52 -0.52 -4.09
C ARG A 7 -5.61 -1.96 -3.60
N ARG A 8 -4.66 -2.35 -2.75
CA ARG A 8 -4.63 -3.70 -2.22
C ARG A 8 -5.25 -3.75 -0.82
N GLY A 9 -5.05 -2.69 -0.05
CA GLY A 9 -5.60 -2.62 1.29
C GLY A 9 -4.54 -2.36 2.34
N GLU A 10 -3.78 -1.28 2.16
CA GLU A 10 -2.73 -0.92 3.09
C GLU A 10 -2.28 0.52 2.88
N GLU A 11 -2.33 0.98 1.63
CA GLU A 11 -1.93 2.34 1.29
C GLU A 11 -0.41 2.46 1.25
N ARG A 12 0.23 2.41 2.42
CA ARG A 12 1.68 2.52 2.51
C ARG A 12 2.32 1.14 2.47
N LYS A 13 3.64 1.11 2.29
CA LYS A 13 4.38 -0.14 2.23
C LYS A 13 4.17 -0.96 3.50
N ALA A 14 4.15 -2.28 3.35
CA ALA A 14 3.95 -3.17 4.49
C ALA A 14 3.96 -4.63 4.05
N PRO A 15 4.81 -5.44 4.69
CA PRO A 15 4.93 -6.87 4.38
C PRO A 15 3.70 -7.66 4.81
N GLU A 16 2.58 -7.42 4.14
CA GLU A 16 1.34 -8.11 4.47
C GLU A 16 0.88 -7.78 5.88
N MET A 1 6.61 4.99 -3.70
CA MET A 1 5.83 4.20 -2.76
C MET A 1 4.96 5.09 -1.88
N TRP A 2 3.87 5.58 -2.44
CA TRP A 2 2.95 6.45 -1.72
C TRP A 2 1.55 6.40 -2.32
N GLN A 3 0.57 5.98 -1.53
CA GLN A 3 -0.80 5.89 -1.99
C GLN A 3 -0.92 4.98 -3.21
N ARG A 4 -0.10 3.92 -3.22
CA ARG A 4 -0.11 2.97 -4.32
C ARG A 4 -0.71 1.63 -3.89
N ARG A 5 -0.42 1.23 -2.65
CA ARG A 5 -0.93 -0.03 -2.11
C ARG A 5 -2.32 0.16 -1.55
N GLN A 6 -2.85 1.37 -1.66
CA GLN A 6 -4.18 1.67 -1.16
C GLN A 6 -5.24 0.90 -1.92
N ARG A 7 -4.97 0.62 -3.19
CA ARG A 7 -5.91 -0.11 -4.04
C ARG A 7 -5.90 -1.60 -3.69
N ARG A 8 -5.01 -1.99 -2.77
CA ARG A 8 -4.90 -3.37 -2.36
C ARG A 8 -5.34 -3.54 -0.91
N GLY A 9 -4.58 -2.93 0.00
CA GLY A 9 -4.91 -3.03 1.41
C GLY A 9 -3.79 -2.50 2.30
N GLU A 10 -2.56 -2.67 1.86
CA GLU A 10 -1.40 -2.21 2.63
C GLU A 10 -1.33 -0.68 2.63
N GLU A 11 -1.75 -0.08 1.52
CA GLU A 11 -1.73 1.37 1.40
C GLU A 11 -0.31 1.89 1.20
N ARG A 12 0.49 1.83 2.26
CA ARG A 12 1.88 2.30 2.20
C ARG A 12 2.83 1.11 2.11
N LYS A 13 4.12 1.38 2.32
CA LYS A 13 5.15 0.34 2.26
C LYS A 13 4.87 -0.74 3.29
N ALA A 14 4.74 -1.98 2.82
CA ALA A 14 4.47 -3.10 3.70
C ALA A 14 4.47 -4.42 2.92
N PRO A 15 5.66 -4.99 2.71
CA PRO A 15 5.82 -6.26 1.98
C PRO A 15 5.28 -7.45 2.77
N GLU A 16 4.01 -7.75 2.56
CA GLU A 16 3.37 -8.88 3.25
C GLU A 16 3.29 -8.62 4.76
N MET A 1 5.47 7.02 -5.52
CA MET A 1 5.90 6.02 -4.54
C MET A 1 5.17 6.22 -3.22
N TRP A 2 3.87 6.46 -3.29
CA TRP A 2 3.05 6.67 -2.10
C TRP A 2 1.61 6.25 -2.34
N GLN A 3 1.02 5.57 -1.36
CA GLN A 3 -0.35 5.10 -1.48
C GLN A 3 -0.50 4.08 -2.60
N ARG A 4 0.53 3.26 -2.77
CA ARG A 4 0.52 2.23 -3.81
C ARG A 4 -0.20 0.98 -3.33
N ARG A 5 -0.21 0.77 -2.01
CA ARG A 5 -0.87 -0.39 -1.42
C ARG A 5 -2.36 -0.15 -1.26
N GLN A 6 -2.78 1.11 -1.37
CA GLN A 6 -4.18 1.47 -1.24
C GLN A 6 -5.05 0.64 -2.18
N ARG A 7 -4.50 0.30 -3.34
CA ARG A 7 -5.22 -0.50 -4.33
C ARG A 7 -5.57 -1.87 -3.77
N ARG A 8 -4.80 -2.31 -2.77
CA ARG A 8 -5.02 -3.61 -2.16
C ARG A 8 -5.85 -3.47 -0.87
N GLY A 9 -5.62 -2.37 -0.15
CA GLY A 9 -6.34 -2.15 1.08
C GLY A 9 -5.41 -1.91 2.27
N GLU A 10 -4.23 -1.40 1.99
CA GLU A 10 -3.24 -1.13 3.03
C GLU A 10 -2.72 0.30 2.94
N GLU A 11 -2.86 0.90 1.76
CA GLU A 11 -2.39 2.26 1.53
C GLU A 11 -0.87 2.31 1.52
N ARG A 12 -0.27 2.32 2.71
CA ARG A 12 1.18 2.37 2.83
C ARG A 12 1.67 1.37 3.89
N LYS A 13 1.87 0.13 3.48
CA LYS A 13 2.34 -0.90 4.39
C LYS A 13 3.52 -1.67 3.79
N ALA A 14 4.33 -2.29 4.65
CA ALA A 14 5.48 -3.06 4.20
C ALA A 14 5.10 -4.02 3.09
N PRO A 15 6.12 -4.60 2.44
CA PRO A 15 5.92 -5.56 1.34
C PRO A 15 5.34 -6.88 1.82
N GLU A 16 4.09 -7.13 1.48
CA GLU A 16 3.42 -8.37 1.88
C GLU A 16 3.04 -8.32 3.36
N MET A 1 5.60 5.60 -5.17
CA MET A 1 5.81 4.92 -3.89
C MET A 1 4.60 5.11 -2.99
N TRP A 2 4.28 6.35 -2.68
CA TRP A 2 3.15 6.66 -1.81
C TRP A 2 1.82 6.37 -2.52
N GLN A 3 0.85 5.86 -1.77
CA GLN A 3 -0.45 5.54 -2.33
C GLN A 3 -0.34 4.44 -3.38
N ARG A 4 0.16 3.27 -2.96
CA ARG A 4 0.32 2.14 -3.86
C ARG A 4 -0.41 0.91 -3.33
N ARG A 5 -0.27 0.67 -2.02
CA ARG A 5 -0.90 -0.48 -1.38
C ARG A 5 -2.38 -0.21 -1.14
N GLN A 6 -2.81 1.01 -1.42
CA GLN A 6 -4.20 1.41 -1.23
C GLN A 6 -5.13 0.51 -2.04
N ARG A 7 -4.79 0.29 -3.31
CA ARG A 7 -5.60 -0.54 -4.18
C ARG A 7 -5.84 -1.91 -3.56
N ARG A 8 -4.92 -2.33 -2.71
CA ARG A 8 -5.03 -3.62 -2.03
C ARG A 8 -5.84 -3.50 -0.74
N GLY A 9 -5.65 -2.39 -0.04
CA GLY A 9 -6.36 -2.17 1.20
C GLY A 9 -5.43 -1.92 2.36
N GLU A 10 -4.25 -1.38 2.08
CA GLU A 10 -3.26 -1.09 3.11
C GLU A 10 -2.70 0.31 2.96
N GLU A 11 -2.81 0.86 1.75
CA GLU A 11 -2.31 2.20 1.47
C GLU A 11 -0.79 2.21 1.41
N ARG A 12 -0.15 2.07 2.57
CA ARG A 12 1.30 2.06 2.65
C ARG A 12 1.78 1.14 3.78
N LYS A 13 1.87 -0.15 3.48
CA LYS A 13 2.32 -1.12 4.47
C LYS A 13 3.52 -1.91 3.95
N ALA A 14 4.22 -2.58 4.86
CA ALA A 14 5.39 -3.37 4.50
C ALA A 14 5.09 -4.27 3.31
N PRO A 15 6.15 -4.83 2.71
CA PRO A 15 6.03 -5.72 1.55
C PRO A 15 5.41 -7.06 1.92
N GLU A 16 4.12 -7.22 1.63
CA GLU A 16 3.42 -8.46 1.93
C GLU A 16 3.33 -8.68 3.43
N MET A 1 5.32 5.98 -5.46
CA MET A 1 5.95 6.79 -4.42
C MET A 1 5.10 6.77 -3.15
N TRP A 2 3.78 6.79 -3.32
CA TRP A 2 2.86 6.77 -2.18
C TRP A 2 1.46 6.39 -2.63
N GLN A 3 0.65 5.91 -1.68
CA GLN A 3 -0.72 5.51 -1.98
C GLN A 3 -0.75 4.44 -3.07
N ARG A 4 0.16 3.47 -2.97
CA ARG A 4 0.24 2.39 -3.94
C ARG A 4 -0.52 1.16 -3.45
N ARG A 5 -0.28 0.79 -2.20
CA ARG A 5 -0.93 -0.37 -1.60
C ARG A 5 -2.42 -0.09 -1.35
N GLN A 6 -2.79 1.18 -1.41
CA GLN A 6 -4.18 1.58 -1.19
C GLN A 6 -5.12 0.80 -2.10
N ARG A 7 -4.68 0.55 -3.33
CA ARG A 7 -5.49 -0.19 -4.29
C ARG A 7 -5.82 -1.59 -3.77
N ARG A 8 -4.97 -2.10 -2.89
CA ARG A 8 -5.18 -3.42 -2.31
C ARG A 8 -5.93 -3.33 -0.99
N GLY A 9 -5.71 -2.25 -0.25
CA GLY A 9 -6.38 -2.06 1.02
C GLY A 9 -5.40 -1.94 2.18
N GLU A 10 -4.16 -1.61 1.86
CA GLU A 10 -3.13 -1.46 2.89
C GLU A 10 -2.51 -0.07 2.83
N GLU A 11 -2.82 0.67 1.78
CA GLU A 11 -2.28 2.03 1.61
C GLU A 11 -0.80 1.98 1.26
N ARG A 12 0.03 1.67 2.26
CA ARG A 12 1.47 1.60 2.07
C ARG A 12 2.16 1.08 3.32
N LYS A 13 2.37 -0.23 3.38
CA LYS A 13 3.01 -0.85 4.52
C LYS A 13 4.10 -1.83 4.07
N ALA A 14 4.67 -2.55 5.02
CA ALA A 14 5.71 -3.53 4.71
C ALA A 14 5.31 -4.42 3.54
N PRO A 15 6.30 -5.09 2.94
CA PRO A 15 6.08 -5.99 1.81
C PRO A 15 5.31 -7.24 2.19
N GLU A 16 3.98 -7.16 2.17
CA GLU A 16 3.14 -8.30 2.52
C GLU A 16 3.30 -8.66 4.00
N MET A 1 7.44 7.40 -5.12
CA MET A 1 5.97 7.40 -5.14
C MET A 1 5.42 6.92 -3.81
N TRP A 2 4.11 7.05 -3.65
CA TRP A 2 3.43 6.63 -2.42
C TRP A 2 1.97 6.31 -2.68
N GLN A 3 1.32 5.73 -1.68
CA GLN A 3 -0.10 5.38 -1.80
C GLN A 3 -0.33 4.42 -2.96
N ARG A 4 0.41 3.32 -2.96
CA ARG A 4 0.29 2.32 -4.02
C ARG A 4 -0.42 1.07 -3.51
N ARG A 5 -0.20 0.74 -2.24
CA ARG A 5 -0.81 -0.43 -1.63
C ARG A 5 -2.27 -0.15 -1.25
N GLN A 6 -2.70 1.09 -1.46
CA GLN A 6 -4.06 1.50 -1.14
C GLN A 6 -5.07 0.64 -1.90
N ARG A 7 -4.71 0.26 -3.12
CA ARG A 7 -5.59 -0.56 -3.95
C ARG A 7 -5.72 -1.97 -3.38
N ARG A 8 -4.73 -2.38 -2.60
CA ARG A 8 -4.74 -3.71 -1.98
C ARG A 8 -5.47 -3.69 -0.64
N GLY A 9 -5.29 -2.60 0.10
CA GLY A 9 -5.93 -2.48 1.39
C GLY A 9 -4.93 -2.22 2.51
N GLU A 10 -3.81 -1.60 2.17
CA GLU A 10 -2.78 -1.30 3.15
C GLU A 10 -2.27 0.13 2.98
N GLU A 11 -2.46 0.68 1.79
CA GLU A 11 -2.02 2.04 1.50
C GLU A 11 -0.50 2.12 1.49
N ARG A 12 0.09 2.25 2.68
CA ARG A 12 1.54 2.34 2.80
C ARG A 12 2.18 0.95 2.84
N LYS A 13 3.51 0.91 2.91
CA LYS A 13 4.23 -0.35 2.94
C LYS A 13 3.63 -1.30 3.98
N ALA A 14 3.85 -2.59 3.79
CA ALA A 14 3.33 -3.60 4.70
C ALA A 14 3.70 -5.00 4.25
N PRO A 15 4.88 -5.48 4.67
CA PRO A 15 5.37 -6.82 4.31
C PRO A 15 4.57 -7.93 4.97
N GLU A 16 3.46 -8.30 4.35
CA GLU A 16 2.61 -9.35 4.89
C GLU A 16 2.28 -9.11 6.36
#